data_6LZJ
#
_entry.id   6LZJ
#
_cell.length_a   35.016
_cell.length_b   42.863
_cell.length_c   53.859
_cell.angle_alpha   81.110
_cell.angle_beta   71.598
_cell.angle_gamma   77.691
#
_symmetry.space_group_name_H-M   'P 1'
#
loop_
_entity.id
_entity.type
_entity.pdbx_description
1 polymer 'DNA mismatch repair protein MutL'
2 non-polymer 'MAGNESIUM ION'
3 non-polymer 'PHOSPHOMETHYLPHOSPHONIC ACID ADENYLATE ESTER'
4 water water
#
_entity_poly.entity_id   1
_entity_poly.type   'polypeptide(L)'
_entity_poly.pdbx_seq_one_letter_code
;MEVRKVIAAGEVIESPVDVVKELVENSLDAKATKVEVEIVKGGKRLIRVKDNGTGIHPEDVEKVVLQGATSKIETEKDLM
NISTYGFRGEALYSISSVSKFKLRSRFFQEKEGKEIEVEAGNILGTRRVGMPVGTEVEVRDLFFNLPVRRKFLKKEDTER
RKVLELIKEYALTNPEVEFTLFSEGRETLKLKKSSLKERVEEVFQTKTEELYAEREGITLRAFVSRNQRQGKYYVFINKR
PIQNKNLKEFLRKVFGYKTLVVLYAELPPFMVDFNVHPKKKEVNILKERKFLELVRELAGKEKPIVDI
;
_entity_poly.pdbx_strand_id   A
#
# COMPACT_ATOMS: atom_id res chain seq x y z
N VAL A 12 -7.67 14.29 -1.79
CA VAL A 12 -7.51 12.83 -1.85
C VAL A 12 -6.47 12.40 -2.89
N ILE A 13 -6.58 12.84 -4.14
CA ILE A 13 -5.64 12.41 -5.16
C ILE A 13 -4.82 13.60 -5.64
N GLU A 14 -3.55 13.66 -5.22
CA GLU A 14 -2.56 14.60 -5.73
C GLU A 14 -1.45 13.99 -6.57
N SER A 15 -1.23 12.68 -6.50
CA SER A 15 -0.11 12.11 -7.22
C SER A 15 -0.34 10.61 -7.33
N PRO A 16 0.50 9.91 -8.10
CA PRO A 16 0.26 8.48 -8.30
C PRO A 16 0.28 7.67 -7.01
N VAL A 17 1.07 8.05 -6.00
CA VAL A 17 1.08 7.23 -4.79
C VAL A 17 -0.29 7.26 -4.09
N ASP A 18 -1.00 8.39 -4.16
CA ASP A 18 -2.35 8.47 -3.60
C ASP A 18 -3.27 7.48 -4.29
N VAL A 19 -3.11 7.33 -5.61
CA VAL A 19 -3.93 6.38 -6.36
C VAL A 19 -3.63 4.96 -5.90
N VAL A 20 -2.34 4.60 -5.83
CA VAL A 20 -1.97 3.27 -5.36
C VAL A 20 -2.53 3.04 -3.98
N LYS A 21 -2.45 4.04 -3.10
CA LYS A 21 -2.93 3.83 -1.75
C LYS A 21 -4.40 3.41 -1.78
N GLU A 22 -5.19 4.12 -2.55
CA GLU A 22 -6.63 3.87 -2.54
C GLU A 22 -6.93 2.53 -3.15
N LEU A 23 -6.22 2.18 -4.23
CA LEU A 23 -6.51 0.89 -4.83
C LEU A 23 -6.08 -0.25 -3.92
N VAL A 24 -4.91 -0.14 -3.26
CA VAL A 24 -4.43 -1.27 -2.49
C VAL A 24 -5.30 -1.42 -1.25
N GLU A 25 -5.73 -0.28 -0.69
CA GLU A 25 -6.69 -0.37 0.43
C GLU A 25 -7.92 -1.16 0.02
N ASN A 26 -8.49 -0.81 -1.12
CA ASN A 26 -9.67 -1.51 -1.67
C ASN A 26 -9.41 -3.00 -1.85
N SER A 27 -8.23 -3.35 -2.31
CA SER A 27 -7.92 -4.77 -2.44
C SER A 27 -7.88 -5.44 -1.08
N LEU A 28 -7.26 -4.81 -0.08
CA LEU A 28 -7.19 -5.47 1.21
C LEU A 28 -8.57 -5.50 1.86
N ASP A 29 -9.38 -4.46 1.64
CA ASP A 29 -10.77 -4.45 2.10
C ASP A 29 -11.54 -5.63 1.52
N ALA A 30 -11.18 -6.05 0.32
CA ALA A 30 -11.84 -7.14 -0.37
C ALA A 30 -11.21 -8.51 -0.08
N LYS A 31 -10.35 -8.58 0.94
CA LYS A 31 -9.78 -9.84 1.45
C LYS A 31 -8.84 -10.48 0.45
N ALA A 32 -8.19 -9.66 -0.38
CA ALA A 32 -7.18 -10.17 -1.26
C ALA A 32 -6.04 -10.78 -0.45
N THR A 33 -5.53 -11.93 -0.90
CA THR A 33 -4.28 -12.49 -0.38
C THR A 33 -3.09 -12.27 -1.31
N LYS A 34 -3.35 -11.72 -2.47
CA LYS A 34 -2.28 -11.39 -3.40
C LYS A 34 -2.66 -10.09 -4.05
N VAL A 35 -1.75 -9.13 -4.00
CA VAL A 35 -1.92 -7.79 -4.54
C VAL A 35 -0.73 -7.52 -5.44
N GLU A 36 -1.00 -7.21 -6.70
CA GLU A 36 0.04 -6.95 -7.70
C GLU A 36 -0.09 -5.51 -8.14
N VAL A 37 0.99 -4.72 -8.00
CA VAL A 37 0.98 -3.33 -8.40
C VAL A 37 2.00 -3.13 -9.51
N GLU A 38 1.60 -2.36 -10.53
CA GLU A 38 2.50 -2.05 -11.63
C GLU A 38 2.46 -0.55 -11.88
N ILE A 39 3.61 0.09 -12.05
CA ILE A 39 3.61 1.51 -12.37
C ILE A 39 4.53 1.71 -13.55
N VAL A 40 4.12 2.63 -14.41
CA VAL A 40 4.90 3.05 -15.56
C VAL A 40 5.07 4.56 -15.50
N LYS A 41 6.29 5.03 -15.76
CA LYS A 41 6.61 6.46 -15.67
C LYS A 41 6.21 7.00 -14.30
N GLY A 42 6.59 6.25 -13.26
CA GLY A 42 6.32 6.57 -11.88
C GLY A 42 4.87 6.53 -11.49
N GLY A 43 4.03 5.93 -12.34
CA GLY A 43 2.59 6.03 -12.18
C GLY A 43 1.98 7.16 -12.97
N LYS A 44 2.79 8.00 -13.60
CA LYS A 44 2.20 9.09 -14.37
C LYS A 44 1.56 8.58 -15.64
N ARG A 45 2.13 7.54 -16.22
CA ARG A 45 1.61 6.92 -17.42
C ARG A 45 0.61 5.82 -17.09
N LEU A 46 1.02 4.83 -16.30
CA LEU A 46 0.07 3.80 -15.87
C LEU A 46 0.22 3.44 -14.39
N ILE A 47 -0.91 3.27 -13.72
CA ILE A 47 -0.96 2.61 -12.43
C ILE A 47 -1.93 1.45 -12.59
N ARG A 48 -1.46 0.23 -12.33
CA ARG A 48 -2.33 -0.93 -12.35
C ARG A 48 -2.27 -1.65 -10.99
N VAL A 49 -3.45 -1.98 -10.44
CA VAL A 49 -3.53 -2.79 -9.24
C VAL A 49 -4.46 -3.97 -9.44
N LYS A 50 -3.93 -5.17 -9.20
CA LYS A 50 -4.63 -6.41 -9.45
C LYS A 50 -4.67 -7.21 -8.17
N ASP A 51 -5.84 -7.74 -7.89
CA ASP A 51 -5.96 -8.52 -6.68
C ASP A 51 -6.79 -9.76 -6.95
N ASN A 52 -6.67 -10.68 -6.00
CA ASN A 52 -7.43 -11.92 -6.00
C ASN A 52 -8.55 -11.93 -4.97
N GLY A 53 -9.03 -10.78 -4.52
CA GLY A 53 -10.15 -10.75 -3.61
C GLY A 53 -11.49 -11.14 -4.23
N THR A 54 -12.58 -10.90 -3.50
CA THR A 54 -13.88 -11.47 -3.86
C THR A 54 -14.52 -10.83 -5.08
N GLY A 55 -13.95 -9.74 -5.60
CA GLY A 55 -14.51 -9.07 -6.75
C GLY A 55 -15.77 -8.28 -6.48
N ILE A 56 -16.31 -7.76 -7.57
CA ILE A 56 -17.51 -6.94 -7.58
C ILE A 56 -18.52 -7.61 -8.49
N HIS A 57 -19.77 -7.74 -8.03
CA HIS A 57 -20.81 -8.36 -8.85
C HIS A 57 -21.04 -7.51 -10.09
N PRO A 58 -21.33 -8.11 -11.26
CA PRO A 58 -21.56 -7.29 -12.45
C PRO A 58 -22.57 -6.16 -12.22
N GLU A 59 -23.62 -6.44 -11.46
CA GLU A 59 -24.63 -5.44 -11.15
C GLU A 59 -24.07 -4.24 -10.39
N ASP A 60 -22.97 -4.39 -9.66
CA ASP A 60 -22.41 -3.30 -8.87
C ASP A 60 -21.24 -2.58 -9.52
N VAL A 61 -20.74 -3.06 -10.67
CA VAL A 61 -19.52 -2.49 -11.26
C VAL A 61 -19.76 -1.04 -11.71
N GLU A 62 -20.90 -0.74 -12.32
CA GLU A 62 -21.14 0.63 -12.76
C GLU A 62 -21.34 1.57 -11.57
N LYS A 63 -21.91 1.06 -10.49
CA LYS A 63 -22.18 1.87 -9.31
C LYS A 63 -20.90 2.44 -8.70
N VAL A 64 -19.90 1.58 -8.46
CA VAL A 64 -18.79 2.00 -7.61
C VAL A 64 -17.91 3.05 -8.28
N VAL A 65 -18.12 3.34 -9.56
CA VAL A 65 -17.44 4.48 -10.17
C VAL A 65 -18.15 5.79 -9.87
N LEU A 66 -19.47 5.74 -9.68
CA LEU A 66 -20.29 6.71 -8.91
C LEU A 66 -21.76 6.46 -9.22
N GLU A 90 -16.53 9.35 -3.60
CA GLU A 90 -15.71 8.30 -3.00
C GLU A 90 -14.42 8.16 -3.81
N ALA A 91 -13.60 7.20 -3.42
CA ALA A 91 -12.23 7.16 -3.92
C ALA A 91 -12.18 6.84 -5.42
N LEU A 92 -12.95 5.84 -5.89
CA LEU A 92 -12.82 5.47 -7.31
C LEU A 92 -13.34 6.55 -8.23
N TYR A 93 -14.44 7.19 -7.82
CA TYR A 93 -14.99 8.32 -8.58
C TYR A 93 -13.94 9.42 -8.70
N SER A 94 -13.29 9.74 -7.58
CA SER A 94 -12.30 10.80 -7.60
C SER A 94 -11.09 10.41 -8.43
N ILE A 95 -10.73 9.13 -8.46
CA ILE A 95 -9.64 8.70 -9.32
C ILE A 95 -10.06 8.72 -10.79
N SER A 96 -11.24 8.19 -11.11
CA SER A 96 -11.70 8.12 -12.50
C SER A 96 -11.93 9.49 -13.12
N SER A 97 -12.13 10.50 -12.29
CA SER A 97 -12.41 11.84 -12.79
C SER A 97 -11.16 12.50 -13.36
N VAL A 98 -9.98 12.09 -12.90
CA VAL A 98 -8.71 12.68 -13.33
C VAL A 98 -7.87 11.72 -14.16
N SER A 99 -8.43 10.66 -14.76
CA SER A 99 -7.63 9.73 -15.53
C SER A 99 -8.45 9.09 -16.64
N LYS A 100 -7.74 8.32 -17.42
CA LYS A 100 -8.30 7.32 -18.33
C LYS A 100 -8.30 6.01 -17.56
N PHE A 101 -9.48 5.55 -17.21
CA PHE A 101 -9.68 4.64 -16.09
C PHE A 101 -10.38 3.38 -16.57
N LYS A 102 -9.81 2.23 -16.26
CA LYS A 102 -10.54 0.99 -16.47
C LYS A 102 -10.61 0.25 -15.14
N LEU A 103 -11.76 -0.33 -14.84
CA LEU A 103 -11.85 -1.30 -13.76
C LEU A 103 -12.49 -2.55 -14.32
N ARG A 104 -11.86 -3.70 -14.12
CA ARG A 104 -12.51 -4.96 -14.44
C ARG A 104 -12.60 -5.79 -13.17
N SER A 105 -13.69 -6.53 -13.02
CA SER A 105 -13.86 -7.35 -11.83
C SER A 105 -14.69 -8.58 -12.11
N ARG A 106 -14.28 -9.68 -11.53
CA ARG A 106 -15.06 -10.91 -11.59
C ARG A 106 -15.42 -11.30 -10.17
N PHE A 107 -16.71 -11.35 -9.92
CA PHE A 107 -17.25 -11.68 -8.62
C PHE A 107 -17.03 -13.17 -8.36
N PHE A 108 -16.72 -13.51 -7.10
CA PHE A 108 -16.44 -14.90 -6.78
C PHE A 108 -17.61 -15.82 -7.16
N GLN A 109 -18.83 -15.29 -7.31
CA GLN A 109 -19.98 -16.12 -7.71
C GLN A 109 -20.18 -16.19 -9.22
N GLU A 110 -19.40 -15.47 -10.02
CA GLU A 110 -19.62 -15.36 -11.46
C GLU A 110 -18.52 -16.07 -12.25
N LYS A 111 -18.89 -16.56 -13.44
CA LYS A 111 -17.89 -17.16 -14.32
C LYS A 111 -17.13 -16.12 -15.14
N GLU A 112 -17.74 -14.98 -15.43
CA GLU A 112 -17.10 -13.94 -16.22
C GLU A 112 -16.98 -12.69 -15.40
N GLY A 113 -16.06 -11.84 -15.84
CA GLY A 113 -15.95 -10.52 -15.30
C GLY A 113 -16.62 -9.47 -16.16
N LYS A 114 -16.60 -8.26 -15.64
CA LYS A 114 -17.15 -7.10 -16.30
C LYS A 114 -16.14 -5.97 -16.18
N GLU A 115 -16.00 -5.18 -17.25
CA GLU A 115 -15.05 -4.06 -17.30
C GLU A 115 -15.81 -2.76 -17.57
N ILE A 116 -15.51 -1.72 -16.80
CA ILE A 116 -16.05 -0.39 -17.07
C ILE A 116 -14.90 0.54 -17.45
N GLU A 117 -15.16 1.41 -18.42
CA GLU A 117 -14.12 2.31 -18.90
C GLU A 117 -14.64 3.73 -18.75
N VAL A 118 -13.82 4.59 -18.14
CA VAL A 118 -14.21 5.95 -17.78
C VAL A 118 -13.07 6.88 -18.18
N GLU A 119 -13.41 8.05 -18.69
CA GLU A 119 -12.42 9.09 -18.96
C GLU A 119 -12.89 10.38 -18.33
N ALA A 120 -12.12 10.89 -17.36
CA ALA A 120 -12.46 12.14 -16.67
C ALA A 120 -13.91 12.17 -16.23
N GLY A 121 -14.38 11.09 -15.61
CA GLY A 121 -15.71 11.03 -15.06
C GLY A 121 -16.79 10.56 -16.00
N ASN A 122 -16.48 10.45 -17.29
CA ASN A 122 -17.46 10.13 -18.33
C ASN A 122 -17.35 8.68 -18.72
N ILE A 123 -18.42 7.91 -18.47
CA ILE A 123 -18.41 6.48 -18.75
C ILE A 123 -18.40 6.29 -20.26
N LEU A 124 -17.38 5.59 -20.76
CA LEU A 124 -17.30 5.30 -22.18
C LEU A 124 -17.94 3.96 -22.53
N GLY A 125 -18.20 3.11 -21.56
CA GLY A 125 -18.88 1.86 -21.85
C GLY A 125 -18.45 0.77 -20.89
N THR A 126 -19.07 -0.39 -21.08
CA THR A 126 -18.77 -1.58 -20.32
C THR A 126 -18.69 -2.78 -21.25
N ARG A 127 -18.07 -3.83 -20.75
CA ARG A 127 -17.78 -5.00 -21.55
C ARG A 127 -17.74 -6.23 -20.66
N ARG A 128 -18.14 -7.37 -21.22
CA ARG A 128 -17.90 -8.64 -20.57
C ARG A 128 -16.46 -9.04 -20.85
N VAL A 129 -15.76 -9.53 -19.83
CA VAL A 129 -14.35 -9.93 -20.02
C VAL A 129 -14.08 -11.25 -19.31
N GLY A 130 -13.30 -12.12 -19.97
CA GLY A 130 -12.76 -13.31 -19.31
C GLY A 130 -11.59 -12.90 -18.42
N MET A 131 -11.62 -13.32 -17.16
CA MET A 131 -10.54 -13.01 -16.21
C MET A 131 -10.63 -13.97 -15.05
N PRO A 132 -9.60 -13.99 -14.19
CA PRO A 132 -9.71 -14.70 -12.91
C PRO A 132 -10.60 -13.93 -11.95
N VAL A 133 -11.15 -14.65 -10.97
CA VAL A 133 -11.83 -13.97 -9.87
C VAL A 133 -10.90 -12.95 -9.25
N GLY A 134 -11.40 -11.74 -9.07
CA GLY A 134 -10.68 -10.66 -8.43
C GLY A 134 -10.99 -9.38 -9.16
N THR A 135 -10.15 -8.37 -8.94
CA THR A 135 -10.39 -7.03 -9.50
C THR A 135 -9.08 -6.50 -10.03
N GLU A 136 -9.16 -5.82 -11.15
CA GLU A 136 -7.96 -5.19 -11.69
C GLU A 136 -8.32 -3.78 -12.13
N VAL A 137 -7.61 -2.79 -11.62
CA VAL A 137 -7.88 -1.40 -11.95
C VAL A 137 -6.66 -0.81 -12.65
N GLU A 138 -6.92 -0.05 -13.74
CA GLU A 138 -5.86 0.55 -14.55
C GLU A 138 -6.15 2.03 -14.67
N VAL A 139 -5.19 2.83 -14.23
CA VAL A 139 -5.35 4.28 -14.16
C VAL A 139 -4.26 4.87 -15.05
N ARG A 140 -4.66 5.46 -16.17
CA ARG A 140 -3.71 5.94 -17.16
C ARG A 140 -3.80 7.44 -17.30
N ASP A 141 -2.64 8.03 -17.59
CA ASP A 141 -2.50 9.43 -17.96
C ASP A 141 -3.09 10.32 -16.88
N LEU A 142 -2.66 10.06 -15.63
CA LEU A 142 -3.17 10.79 -14.46
C LEU A 142 -3.06 12.30 -14.67
N PHE A 143 -4.15 13.01 -14.34
CA PHE A 143 -4.30 14.46 -14.57
C PHE A 143 -4.08 14.87 -16.04
N PHE A 144 -4.39 14.01 -17.02
CA PHE A 144 -4.32 14.47 -18.41
C PHE A 144 -5.23 15.68 -18.65
N ASN A 145 -6.34 15.78 -17.91
CA ASN A 145 -7.34 16.83 -18.00
C ASN A 145 -6.96 18.07 -17.19
N LEU A 146 -5.80 18.03 -16.53
CA LEU A 146 -5.36 19.09 -15.59
C LEU A 146 -3.89 19.32 -15.86
N PRO A 147 -3.59 20.00 -16.96
CA PRO A 147 -2.20 20.03 -17.46
C PRO A 147 -1.24 20.67 -16.49
N VAL A 148 -1.65 21.74 -15.80
CA VAL A 148 -0.74 22.33 -14.82
C VAL A 148 -0.45 21.32 -13.71
N ARG A 149 -1.48 20.64 -13.22
CA ARG A 149 -1.23 19.68 -12.16
C ARG A 149 -0.32 18.54 -12.64
N ARG A 150 -0.48 18.10 -13.89
CA ARG A 150 0.41 17.09 -14.44
C ARG A 150 1.83 17.62 -14.55
N LYS A 151 1.98 18.88 -14.97
CA LYS A 151 3.33 19.42 -15.14
C LYS A 151 4.07 19.49 -13.82
N PHE A 152 3.36 19.74 -12.71
CA PHE A 152 4.02 19.95 -11.43
C PHE A 152 4.24 18.65 -10.67
N LEU A 153 3.86 17.50 -11.23
CA LEU A 153 4.17 16.24 -10.58
C LEU A 153 5.68 16.07 -10.50
N LYS A 154 6.12 15.38 -9.47
CA LYS A 154 7.55 15.19 -9.28
C LYS A 154 8.10 14.31 -10.39
N LYS A 155 9.43 14.32 -10.53
CA LYS A 155 10.12 13.41 -11.47
C LYS A 155 9.70 11.95 -11.24
N GLU A 156 9.75 11.17 -12.33
CA GLU A 156 9.42 9.74 -12.30
C GLU A 156 10.09 9.00 -11.15
N ASP A 157 11.40 9.21 -10.97
CA ASP A 157 12.07 8.44 -9.94
C ASP A 157 11.62 8.83 -8.53
N THR A 158 11.24 10.10 -8.30
CA THR A 158 10.72 10.46 -6.99
C THR A 158 9.38 9.77 -6.72
N GLU A 159 8.50 9.76 -7.72
CA GLU A 159 7.19 9.15 -7.55
C GLU A 159 7.33 7.67 -7.34
N ARG A 160 8.31 7.07 -8.01
CA ARG A 160 8.59 5.65 -7.89
C ARG A 160 8.93 5.27 -6.46
N ARG A 161 9.82 6.03 -5.81
CA ARG A 161 10.17 5.73 -4.42
C ARG A 161 8.99 5.86 -3.47
N LYS A 162 8.15 6.88 -3.68
CA LYS A 162 6.97 7.03 -2.81
C LYS A 162 6.09 5.82 -2.88
N VAL A 163 5.91 5.27 -4.08
CA VAL A 163 5.10 4.07 -4.28
C VAL A 163 5.77 2.88 -3.63
N LEU A 164 7.09 2.77 -3.79
CA LEU A 164 7.82 1.67 -3.16
C LEU A 164 7.66 1.73 -1.64
N GLU A 165 7.82 2.92 -1.07
CA GLU A 165 7.68 3.05 0.39
C GLU A 165 6.27 2.66 0.86
N LEU A 166 5.25 3.09 0.10
CA LEU A 166 3.87 2.78 0.42
C LEU A 166 3.60 1.28 0.39
N ILE A 167 4.15 0.57 -0.60
CA ILE A 167 3.89 -0.86 -0.64
C ILE A 167 4.62 -1.56 0.50
N LYS A 168 5.84 -1.13 0.81
CA LYS A 168 6.52 -1.63 2.01
C LYS A 168 5.65 -1.43 3.24
N GLU A 169 5.04 -0.25 3.36
CA GLU A 169 4.20 0.06 4.52
C GLU A 169 3.05 -0.92 4.63
N TYR A 170 2.34 -1.10 3.53
CA TYR A 170 1.31 -2.12 3.49
C TYR A 170 1.88 -3.51 3.76
N ALA A 171 3.02 -3.87 3.15
CA ALA A 171 3.57 -5.20 3.41
C ALA A 171 3.84 -5.42 4.89
N LEU A 172 4.24 -4.36 5.60
CA LEU A 172 4.66 -4.56 6.98
C LEU A 172 3.48 -4.81 7.90
N THR A 173 2.28 -4.39 7.54
CA THR A 173 1.11 -4.66 8.33
C THR A 173 0.25 -5.77 7.77
N ASN A 174 0.64 -6.40 6.67
CA ASN A 174 -0.17 -7.45 6.05
C ASN A 174 0.72 -8.65 5.71
N PRO A 175 1.28 -9.33 6.72
CA PRO A 175 2.30 -10.35 6.41
C PRO A 175 1.69 -11.57 5.73
N GLU A 176 0.41 -11.84 5.98
CA GLU A 176 -0.37 -12.87 5.34
C GLU A 176 -0.64 -12.58 3.87
N VAL A 177 -0.41 -11.34 3.38
CA VAL A 177 -0.73 -10.95 2.01
C VAL A 177 0.54 -10.91 1.17
N GLU A 178 0.45 -11.44 -0.03
CA GLU A 178 1.56 -11.35 -0.98
C GLU A 178 1.48 -10.02 -1.71
N PHE A 179 2.62 -9.36 -1.85
CA PHE A 179 2.73 -8.11 -2.59
C PHE A 179 3.81 -8.17 -3.64
N THR A 180 3.48 -7.69 -4.83
CA THR A 180 4.49 -7.57 -5.85
C THR A 180 4.41 -6.16 -6.42
N LEU A 181 5.55 -5.58 -6.76
CA LEU A 181 5.60 -4.27 -7.42
C LEU A 181 6.46 -4.40 -8.68
N PHE A 182 5.90 -3.99 -9.82
CA PHE A 182 6.66 -3.78 -11.05
C PHE A 182 6.72 -2.29 -11.34
N SER A 183 7.91 -1.78 -11.65
CA SER A 183 8.10 -0.38 -12.02
C SER A 183 8.95 -0.33 -13.27
N GLU A 184 8.44 0.32 -14.32
CA GLU A 184 9.09 0.39 -15.62
C GLU A 184 9.52 -1.00 -16.11
N GLY A 185 8.64 -1.98 -15.91
CA GLY A 185 8.84 -3.32 -16.41
C GLY A 185 9.77 -4.19 -15.58
N ARG A 186 10.31 -3.69 -14.48
CA ARG A 186 11.18 -4.47 -13.61
C ARG A 186 10.40 -4.90 -12.38
N GLU A 187 10.66 -6.11 -11.89
CA GLU A 187 10.03 -6.52 -10.65
C GLU A 187 10.89 -5.97 -9.53
N THR A 188 10.44 -4.87 -8.94
CA THR A 188 11.18 -4.17 -7.90
C THR A 188 10.92 -4.71 -6.50
N LEU A 189 9.75 -5.30 -6.26
CA LEU A 189 9.41 -5.78 -4.93
C LEU A 189 8.64 -7.09 -5.08
N LYS A 190 9.06 -8.11 -4.34
CA LYS A 190 8.26 -9.32 -4.31
C LYS A 190 8.34 -9.90 -2.91
N LEU A 191 7.18 -10.01 -2.24
CA LEU A 191 7.09 -10.46 -0.85
C LEU A 191 6.00 -11.50 -0.73
N LYS A 192 6.38 -12.73 -0.37
CA LYS A 192 5.43 -13.82 -0.18
C LYS A 192 4.91 -13.84 1.25
N LYS A 193 3.73 -14.45 1.43
CA LYS A 193 3.14 -14.62 2.77
C LYS A 193 4.12 -15.26 3.74
N SER A 194 4.14 -14.74 4.97
CA SER A 194 5.10 -15.19 5.96
C SER A 194 4.67 -14.71 7.35
N SER A 195 5.46 -15.08 8.35
CA SER A 195 5.19 -14.54 9.64
C SER A 195 5.54 -13.08 9.61
N LEU A 196 5.21 -12.41 10.69
CA LEU A 196 5.47 -10.99 10.77
C LEU A 196 6.96 -10.72 10.82
N LYS A 197 7.68 -11.46 11.66
CA LYS A 197 9.13 -11.27 11.75
C LYS A 197 9.80 -11.57 10.42
N GLU A 198 9.34 -12.62 9.71
CA GLU A 198 9.93 -12.92 8.42
C GLU A 198 9.66 -11.81 7.43
N ARG A 199 8.46 -11.22 7.50
CA ARG A 199 8.07 -10.12 6.60
C ARG A 199 8.91 -8.87 6.83
N VAL A 200 9.13 -8.53 8.10
CA VAL A 200 10.02 -7.42 8.40
C VAL A 200 11.39 -7.66 7.80
N GLU A 201 11.95 -8.83 8.03
CA GLU A 201 13.30 -9.09 7.58
C GLU A 201 13.39 -9.12 6.06
N GLU A 202 12.34 -9.59 5.38
CA GLU A 202 12.36 -9.53 3.91
C GLU A 202 12.34 -8.09 3.44
N VAL A 203 11.53 -7.25 4.10
CA VAL A 203 11.40 -5.86 3.65
C VAL A 203 12.69 -5.08 3.82
N PHE A 204 13.35 -5.24 4.97
CA PHE A 204 14.51 -4.43 5.32
C PHE A 204 15.85 -5.12 5.04
N GLN A 205 15.79 -6.36 4.55
CA GLN A 205 16.95 -7.15 4.15
C GLN A 205 17.97 -7.25 5.29
N THR A 206 17.47 -7.62 6.47
CA THR A 206 18.37 -7.67 7.62
C THR A 206 17.75 -8.56 8.68
N LYS A 207 18.58 -9.09 9.56
CA LYS A 207 18.12 -9.86 10.69
C LYS A 207 17.71 -8.92 11.81
N THR A 208 16.63 -9.24 12.51
CA THR A 208 16.14 -8.39 13.59
C THR A 208 16.02 -9.22 14.84
N GLU A 209 16.07 -8.52 15.99
CA GLU A 209 15.66 -9.09 17.26
C GLU A 209 14.26 -8.58 17.57
N GLU A 210 13.40 -9.47 18.08
CA GLU A 210 12.05 -9.12 18.45
C GLU A 210 11.99 -8.76 19.94
N LEU A 211 11.34 -7.64 20.26
CA LEU A 211 11.20 -7.09 21.61
C LEU A 211 9.72 -6.87 21.93
N TYR A 212 9.33 -7.08 23.19
CA TYR A 212 7.93 -7.08 23.60
C TYR A 212 7.79 -6.42 24.97
N ALA A 213 6.70 -5.68 25.17
CA ALA A 213 6.43 -5.05 26.46
C ALA A 213 4.92 -4.95 26.68
N GLU A 214 4.50 -5.12 27.93
CA GLU A 214 3.09 -5.19 28.37
C GLU A 214 2.10 -5.56 27.27
N GLY A 217 -2.75 -2.15 29.50
CA GLY A 217 -3.64 -2.15 28.35
C GLY A 217 -2.94 -1.74 27.06
N ILE A 218 -1.64 -1.47 27.18
CA ILE A 218 -0.79 -1.12 26.04
C ILE A 218 0.11 -2.31 25.74
N THR A 219 0.29 -2.63 24.47
CA THR A 219 1.19 -3.70 24.06
C THR A 219 2.08 -3.22 22.92
N LEU A 220 3.38 -3.48 23.06
CA LEU A 220 4.39 -3.06 22.09
C LEU A 220 5.15 -4.28 21.58
N ARG A 221 5.40 -4.30 20.27
CA ARG A 221 6.19 -5.33 19.63
C ARG A 221 7.10 -4.66 18.62
N ALA A 222 8.41 -4.85 18.77
CA ALA A 222 9.38 -4.17 17.93
C ALA A 222 10.38 -5.16 17.35
N PHE A 223 10.88 -4.82 16.17
CA PHE A 223 11.95 -5.56 15.51
C PHE A 223 13.07 -4.57 15.31
N VAL A 224 14.24 -4.84 15.87
CA VAL A 224 15.35 -3.92 15.82
C VAL A 224 16.56 -4.59 15.17
N SER A 225 17.33 -3.81 14.41
CA SER A 225 18.62 -4.23 13.86
C SER A 225 19.61 -3.08 13.96
N ARG A 226 20.77 -3.32 14.59
CA ARG A 226 21.56 -2.19 15.08
C ARG A 226 22.63 -1.64 14.16
N ASN A 227 23.00 -2.29 13.07
CA ASN A 227 24.13 -1.68 12.38
C ASN A 227 23.68 -0.72 11.28
N GLN A 228 23.23 -1.25 10.16
CA GLN A 228 22.56 -0.48 9.11
C GLN A 228 23.44 0.60 8.45
N GLN A 230 22.47 3.78 8.96
CA GLN A 230 21.34 4.10 8.12
C GLN A 230 20.07 3.91 8.94
N GLY A 231 19.80 4.86 9.83
CA GLY A 231 18.69 4.73 10.75
C GLY A 231 17.35 4.80 10.03
N LYS A 232 16.45 3.91 10.42
CA LYS A 232 15.08 3.88 9.91
C LYS A 232 14.16 3.57 11.07
N TYR A 233 13.11 4.38 11.26
CA TYR A 233 12.23 4.24 12.42
C TYR A 233 10.79 4.23 11.94
N TYR A 234 10.15 3.06 12.01
CA TYR A 234 8.80 2.86 11.52
C TYR A 234 7.89 2.61 12.71
N VAL A 235 6.70 3.21 12.68
CA VAL A 235 5.76 3.14 13.80
C VAL A 235 4.38 2.83 13.25
N PHE A 236 3.78 1.78 13.79
CA PHE A 236 2.41 1.39 13.47
C PHE A 236 1.64 1.37 14.78
N ILE A 237 0.55 2.14 14.84
CA ILE A 237 -0.31 2.17 16.02
C ILE A 237 -1.65 1.56 15.64
N ASN A 238 -2.04 0.54 16.39
CA ASN A 238 -3.09 -0.39 15.98
C ASN A 238 -2.68 -0.98 14.64
N LYS A 239 -3.39 -0.75 13.54
CA LYS A 239 -2.88 -1.26 12.26
C LYS A 239 -2.30 -0.19 11.32
N ARG A 240 -2.17 1.06 11.77
CA ARG A 240 -1.94 2.08 10.75
C ARG A 240 -0.55 2.73 10.87
N PRO A 241 0.06 3.10 9.74
CA PRO A 241 1.38 3.76 9.78
C PRO A 241 1.27 5.17 10.34
N ILE A 242 2.18 5.51 11.26
CA ILE A 242 2.19 6.76 12.01
C ILE A 242 3.50 7.48 11.73
N GLN A 243 3.41 8.74 11.28
CA GLN A 243 4.58 9.48 10.83
C GLN A 243 5.17 10.43 11.87
N ASN A 244 4.65 10.44 13.11
CA ASN A 244 4.97 11.49 14.09
C ASN A 244 6.47 11.68 14.31
N LYS A 245 6.90 12.93 14.29
CA LYS A 245 8.29 13.29 14.56
C LYS A 245 8.65 13.18 16.04
N ASN A 246 7.67 13.30 16.94
CA ASN A 246 7.96 13.20 18.36
C ASN A 246 8.31 11.77 18.74
N LEU A 247 7.65 10.80 18.12
CA LEU A 247 7.93 9.40 18.44
C LEU A 247 9.21 8.93 17.78
N LYS A 248 9.41 9.28 16.50
CA LYS A 248 10.59 8.85 15.76
C LYS A 248 11.87 9.27 16.48
N GLU A 249 12.03 10.57 16.70
CA GLU A 249 13.25 11.04 17.34
C GLU A 249 13.43 10.43 18.71
N PHE A 250 12.33 10.07 19.38
CA PHE A 250 12.45 9.33 20.63
C PHE A 250 12.93 7.91 20.39
N LEU A 251 12.49 7.28 19.29
CA LEU A 251 13.02 5.95 18.99
C LEU A 251 14.51 6.03 18.66
N ARG A 252 14.91 7.02 17.85
CA ARG A 252 16.34 7.26 17.65
C ARG A 252 17.05 7.46 18.98
N LYS A 253 16.37 8.07 19.97
CA LYS A 253 16.99 8.39 21.25
C LYS A 253 17.25 7.15 22.11
N VAL A 254 16.22 6.32 22.33
CA VAL A 254 16.36 5.18 23.23
C VAL A 254 16.95 3.96 22.51
N PHE A 255 16.57 3.72 21.26
CA PHE A 255 17.27 2.73 20.47
C PHE A 255 18.46 3.42 19.81
N GLY A 256 19.27 2.70 19.05
CA GLY A 256 20.49 3.27 18.52
C GLY A 256 20.37 4.64 17.84
N LYS A 258 22.79 3.97 14.50
CA LYS A 258 22.13 3.75 13.23
C LYS A 258 21.31 2.46 13.31
N THR A 259 20.11 2.55 13.88
CA THR A 259 19.33 1.37 14.18
C THR A 259 18.05 1.36 13.37
N LEU A 260 17.71 0.18 12.83
CA LEU A 260 16.36 -0.07 12.31
C LEU A 260 15.44 -0.37 13.49
N VAL A 261 14.33 0.37 13.62
CA VAL A 261 13.34 0.06 14.64
C VAL A 261 11.99 0.01 13.96
N VAL A 262 11.29 -1.11 14.08
CA VAL A 262 9.96 -1.24 13.53
C VAL A 262 9.10 -1.55 14.71
N LEU A 263 8.21 -0.63 15.04
CA LEU A 263 7.46 -0.67 16.28
C LEU A 263 5.98 -0.84 15.94
N TYR A 264 5.40 -1.92 16.43
CA TYR A 264 3.96 -2.12 16.35
C TYR A 264 3.40 -1.84 17.73
N ALA A 265 2.52 -0.85 17.81
CA ALA A 265 1.91 -0.44 19.05
C ALA A 265 0.41 -0.72 18.96
N GLU A 266 -0.14 -1.30 20.00
CA GLU A 266 -1.59 -1.43 20.14
C GLU A 266 -2.04 -0.69 21.39
N LEU A 267 -3.07 0.14 21.23
CA LEU A 267 -3.64 0.94 22.30
C LEU A 267 -5.15 0.86 22.20
N PRO A 268 -5.86 1.00 23.32
CA PRO A 268 -7.29 1.28 23.26
C PRO A 268 -7.50 2.65 22.63
N PRO A 269 -8.73 3.01 22.25
CA PRO A 269 -8.93 4.33 21.63
C PRO A 269 -8.55 5.48 22.55
N PHE A 270 -7.23 5.68 22.66
CA PHE A 270 -6.57 6.73 23.44
C PHE A 270 -7.44 7.93 23.77
N PHE A 291 3.16 5.91 27.72
CA PHE A 291 3.44 5.19 26.48
C PHE A 291 4.94 5.22 26.18
N LEU A 292 5.54 6.41 26.22
CA LEU A 292 6.93 6.57 25.84
C LEU A 292 7.89 5.99 26.87
N GLU A 293 7.47 5.88 28.13
CA GLU A 293 8.32 5.20 29.10
C GLU A 293 8.26 3.70 28.90
N LEU A 294 7.14 3.17 28.41
CA LEU A 294 7.10 1.77 28.03
C LEU A 294 7.99 1.50 26.82
N VAL A 295 8.07 2.46 25.90
CA VAL A 295 9.02 2.35 24.79
C VAL A 295 10.45 2.34 25.31
N ARG A 296 10.75 3.18 26.31
CA ARG A 296 12.08 3.16 26.91
C ARG A 296 12.33 1.83 27.62
N GLU A 297 11.31 1.28 28.27
CA GLU A 297 11.43 -0.06 28.86
C GLU A 297 11.73 -1.11 27.79
N LEU A 298 10.99 -1.05 26.67
CA LEU A 298 11.23 -1.95 25.54
C LEU A 298 12.67 -1.88 25.06
N ALA A 299 13.23 -0.67 24.98
CA ALA A 299 14.59 -0.50 24.50
C ALA A 299 15.64 -1.11 25.42
N GLY A 300 15.26 -1.66 26.57
CA GLY A 300 16.17 -2.26 27.51
C GLY A 300 16.28 -3.76 27.37
N LYS A 301 15.45 -4.36 26.55
CA LYS A 301 15.52 -5.79 26.29
C LYS A 301 16.21 -5.95 24.95
N GLU A 302 17.46 -6.43 24.97
CA GLU A 302 18.01 -7.08 23.78
C GLU A 302 18.82 -8.32 24.15
N LYS A 303 20.04 -8.15 24.64
CA LYS A 303 20.94 -9.29 24.75
C LYS A 303 21.38 -9.56 26.18
#